data_9BUG
#
_entry.id   9BUG
#
_cell.length_a   83.057
_cell.length_b   90.448
_cell.length_c   54.575
_cell.angle_alpha   90.00
_cell.angle_beta   90.00
_cell.angle_gamma   90.00
#
_symmetry.space_group_name_H-M   'P 21 21 2'
#
loop_
_entity.id
_entity.type
_entity.pdbx_description
1 polymer 'Exochitinase 1'
2 non-polymer 1,2-ETHANEDIOL
3 non-polymer 'ACETATE ION'
4 non-polymer DI(HYDROXYETHYL)ETHER
5 water water
#
_entity_poly.entity_id   1
_entity_poly.type   'polypeptide(L)'
_entity_poly.pdbx_seq_one_letter_code
;APTAPVASASSLMSVGYFNGGGDVTAGPGGDINKLDVRQITHLNYSFGLVYNDEKDETNAALKDPAKLHQIWLSPKVASD
LALIPTLRKQNPNLKVLLSVGGWGARGFSGAAATQESRAVFIRSAQEIVEKYGLDGIDLDWEYPVNGAWGLVASQPADRD
NFTALLKEMRDAFGHKKLVTIAIGANAESPKSWVDVKAIAPLLDYINLMTYDMAYGTQYFNANLYDSSAWPTVAAADKYS
VDFVVNNYLAAGLKPQQMNLGIGFYGRVPKRAVEPGIDWTKPDAQKNPATQPYFGPQEIGLFKSLGYDLTKDTYVKYNDI
VKKLLNDPQKRFTEHWDDQAKVPWLSVKGADGNALFAISYENPRSVAIKADYIKEKGLAGAMFWEYGADDENQLAKQLAA
SLGIPHLEHHHHHH
;
_entity_poly.pdbx_strand_id   A
#
loop_
_chem_comp.id
_chem_comp.type
_chem_comp.name
_chem_comp.formula
ACT non-polymer 'ACETATE ION' 'C2 H3 O2 -1'
EDO non-polymer 1,2-ETHANEDIOL 'C2 H6 O2'
PEG non-polymer DI(HYDROXYETHYL)ETHER 'C4 H10 O3'
#
# COMPACT_ATOMS: atom_id res chain seq x y z
N ALA A 1 19.97 32.25 7.64
CA ALA A 1 19.32 31.85 8.88
C ALA A 1 18.42 32.98 9.39
N PRO A 2 17.39 32.65 10.16
CA PRO A 2 16.52 33.69 10.70
C PRO A 2 17.25 34.57 11.70
N THR A 3 16.72 35.79 11.89
CA THR A 3 17.26 36.66 12.93
C THR A 3 16.88 36.20 14.32
N ALA A 4 15.84 35.37 14.44
CA ALA A 4 15.39 34.83 15.72
C ALA A 4 15.04 33.36 15.50
N PRO A 5 15.29 32.51 16.49
CA PRO A 5 15.00 31.08 16.31
C PRO A 5 13.50 30.85 16.11
N VAL A 6 13.20 29.72 15.47
CA VAL A 6 11.83 29.31 15.25
C VAL A 6 11.52 28.13 16.17
N ALA A 7 10.22 27.88 16.38
CA ALA A 7 9.79 26.78 17.22
C ALA A 7 10.29 25.44 16.66
N SER A 8 10.21 24.42 17.50
CA SER A 8 10.67 23.09 17.11
C SER A 8 9.86 22.59 15.92
N ALA A 9 10.56 22.15 14.87
CA ALA A 9 9.89 21.58 13.72
C ALA A 9 9.20 20.28 14.10
N SER A 10 8.04 20.04 13.50
CA SER A 10 7.31 18.81 13.78
C SER A 10 8.07 17.62 13.19
N SER A 11 7.86 16.46 13.80
CA SER A 11 8.62 15.30 13.36
C SER A 11 8.19 14.87 11.97
N LEU A 12 8.98 13.98 11.40
CA LEU A 12 8.55 13.24 10.24
C LEU A 12 7.30 12.45 10.59
N MET A 13 6.56 12.06 9.57
CA MET A 13 5.35 11.26 9.77
C MET A 13 5.67 9.77 9.74
N SER A 14 4.85 8.99 10.43
CA SER A 14 4.76 7.56 10.17
C SER A 14 3.27 7.23 10.16
N VAL A 15 2.76 6.88 8.98
CA VAL A 15 1.34 6.63 8.76
C VAL A 15 1.15 5.13 8.69
N GLY A 16 0.55 4.53 9.71
CA GLY A 16 0.39 3.08 9.75
C GLY A 16 -1.02 2.66 9.36
N TYR A 17 -1.09 1.69 8.45
CA TYR A 17 -2.38 1.10 8.15
C TYR A 17 -2.70 0.03 9.20
N PHE A 18 -3.94 0.04 9.68
CA PHE A 18 -4.49 -1.06 10.46
C PHE A 18 -5.65 -1.60 9.62
N ASN A 19 -5.46 -2.76 9.01
CA ASN A 19 -6.48 -3.35 8.15
C ASN A 19 -7.54 -4.11 8.94
N GLY A 20 -8.32 -3.34 9.70
CA GLY A 20 -9.30 -3.95 10.58
C GLY A 20 -10.46 -4.60 9.84
N GLY A 21 -10.77 -4.10 8.65
CA GLY A 21 -11.83 -4.74 7.88
C GLY A 21 -11.45 -6.11 7.36
N GLY A 22 -10.16 -6.32 7.08
CA GLY A 22 -9.75 -7.58 6.49
C GLY A 22 -10.23 -7.69 5.04
N ASP A 23 -10.19 -8.92 4.54
CA ASP A 23 -10.66 -9.27 3.20
C ASP A 23 -11.59 -10.47 3.31
N VAL A 24 -12.33 -10.76 2.24
CA VAL A 24 -13.06 -12.02 2.18
C VAL A 24 -12.10 -13.19 2.05
N THR A 25 -10.97 -12.98 1.34
CA THR A 25 -9.98 -14.03 1.20
C THR A 25 -9.24 -14.26 2.52
N ALA A 26 -8.71 -13.19 3.11
CA ALA A 26 -7.87 -13.28 4.30
C ALA A 26 -8.66 -13.28 5.61
N GLY A 27 -9.96 -13.01 5.56
CA GLY A 27 -10.76 -12.94 6.76
C GLY A 27 -10.65 -11.58 7.43
N PRO A 28 -11.39 -11.39 8.52
CA PRO A 28 -11.40 -10.08 9.19
C PRO A 28 -10.02 -9.68 9.68
N GLY A 29 -9.86 -8.38 9.92
CA GLY A 29 -8.62 -7.84 10.41
C GLY A 29 -8.40 -8.12 11.88
N GLY A 30 -7.36 -7.50 12.41
CA GLY A 30 -6.96 -7.75 13.78
C GLY A 30 -7.87 -7.10 14.81
N ASP A 31 -7.47 -7.26 16.06
CA ASP A 31 -8.25 -6.79 17.21
C ASP A 31 -7.81 -5.37 17.53
N ILE A 32 -8.68 -4.39 17.28
N ILE A 32 -8.69 -4.40 17.28
CA ILE A 32 -8.35 -3.00 17.57
CA ILE A 32 -8.37 -3.00 17.56
C ILE A 32 -8.07 -2.77 19.05
C ILE A 32 -8.09 -2.77 19.05
N ASN A 33 -8.62 -3.62 19.93
CA ASN A 33 -8.39 -3.47 21.36
C ASN A 33 -6.97 -3.84 21.78
N LYS A 34 -6.21 -4.52 20.92
CA LYS A 34 -4.84 -4.90 21.20
C LYS A 34 -3.83 -4.05 20.45
N LEU A 35 -4.29 -3.08 19.67
CA LEU A 35 -3.42 -2.31 18.80
C LEU A 35 -2.59 -1.30 19.60
N ASP A 36 -1.29 -1.29 19.35
CA ASP A 36 -0.35 -0.35 19.95
C ASP A 36 -0.04 0.74 18.92
N VAL A 37 -0.44 1.97 19.21
CA VAL A 37 -0.32 3.10 18.28
C VAL A 37 0.76 4.08 18.70
N ARG A 38 1.68 3.68 19.59
CA ARG A 38 2.68 4.62 20.09
C ARG A 38 3.75 4.97 19.05
N GLN A 39 3.89 4.18 18.00
CA GLN A 39 4.99 4.37 17.05
C GLN A 39 4.60 5.15 15.80
N ILE A 40 3.38 5.67 15.73
CA ILE A 40 2.91 6.34 14.53
C ILE A 40 2.44 7.75 14.86
N THR A 41 2.39 8.58 13.82
CA THR A 41 1.76 9.89 13.92
C THR A 41 0.34 9.89 13.37
N HIS A 42 0.06 9.01 12.41
CA HIS A 42 -1.25 8.93 11.78
C HIS A 42 -1.62 7.46 11.61
N LEU A 43 -2.89 7.16 11.86
CA LEU A 43 -3.44 5.82 11.69
C LEU A 43 -4.44 5.85 10.55
N ASN A 44 -4.21 5.04 9.50
CA ASN A 44 -5.19 4.80 8.45
C ASN A 44 -5.94 3.52 8.82
N TYR A 45 -7.18 3.66 9.30
CA TYR A 45 -8.01 2.48 9.51
C TYR A 45 -8.61 2.08 8.17
N SER A 46 -8.40 0.82 7.76
N SER A 46 -8.44 0.81 7.78
CA SER A 46 -8.83 0.38 6.44
CA SER A 46 -8.85 0.36 6.47
C SER A 46 -9.69 -0.88 6.55
C SER A 46 -9.72 -0.88 6.57
N PHE A 47 -10.65 -1.05 5.64
CA PHE A 47 -11.12 -0.14 4.57
C PHE A 47 -12.62 0.08 4.65
N GLY A 48 -13.05 1.32 4.41
CA GLY A 48 -14.39 1.54 3.89
C GLY A 48 -14.44 1.15 2.42
N LEU A 49 -15.60 0.67 1.98
CA LEU A 49 -15.82 0.31 0.57
C LEU A 49 -16.82 1.30 -0.02
N VAL A 50 -17.16 1.10 -1.30
CA VAL A 50 -17.99 2.07 -2.02
C VAL A 50 -19.18 1.32 -2.62
N TYR A 51 -20.39 1.73 -2.23
CA TYR A 51 -21.60 1.17 -2.84
C TYR A 51 -21.55 1.47 -4.34
N ASN A 52 -21.82 0.44 -5.16
CA ASN A 52 -21.55 0.57 -6.58
C ASN A 52 -22.46 -0.34 -7.39
N ASP A 53 -22.62 0.00 -8.67
CA ASP A 53 -23.44 -0.80 -9.58
C ASP A 53 -22.59 -1.50 -10.64
N GLU A 54 -21.32 -1.78 -10.35
CA GLU A 54 -20.51 -2.55 -11.28
C GLU A 54 -21.01 -3.99 -11.33
N LYS A 55 -21.19 -4.50 -12.55
CA LYS A 55 -21.80 -5.81 -12.72
C LYS A 55 -21.03 -6.90 -11.98
N ASP A 56 -19.70 -6.82 -11.97
CA ASP A 56 -18.87 -7.89 -11.43
C ASP A 56 -18.71 -7.84 -9.91
N GLU A 57 -19.28 -6.83 -9.25
CA GLU A 57 -19.20 -6.78 -7.79
C GLU A 57 -19.79 -8.05 -7.17
N THR A 58 -19.08 -8.62 -6.19
CA THR A 58 -19.55 -9.81 -5.51
C THR A 58 -20.08 -9.56 -4.11
N ASN A 59 -19.80 -8.39 -3.53
CA ASN A 59 -20.27 -8.04 -2.19
C ASN A 59 -21.71 -7.54 -2.31
N ALA A 60 -22.67 -8.40 -1.94
CA ALA A 60 -24.08 -8.06 -2.14
C ALA A 60 -24.46 -6.78 -1.41
N ALA A 61 -23.82 -6.50 -0.27
CA ALA A 61 -24.18 -5.31 0.51
C ALA A 61 -23.94 -4.03 -0.28
N LEU A 62 -22.93 -4.03 -1.16
CA LEU A 62 -22.60 -2.84 -1.92
C LEU A 62 -23.61 -2.54 -3.02
N LYS A 63 -24.57 -3.42 -3.27
CA LYS A 63 -25.49 -3.29 -4.39
C LYS A 63 -26.78 -2.57 -4.04
N ASP A 64 -26.92 -2.10 -2.81
CA ASP A 64 -28.11 -1.36 -2.37
C ASP A 64 -28.31 -0.13 -3.25
N PRO A 65 -29.32 -0.09 -4.12
CA PRO A 65 -29.47 1.07 -5.00
C PRO A 65 -29.74 2.37 -4.26
N ALA A 66 -30.30 2.30 -3.05
CA ALA A 66 -30.58 3.50 -2.27
C ALA A 66 -29.31 4.20 -1.79
N LYS A 67 -28.17 3.50 -1.79
CA LYS A 67 -26.96 4.05 -1.21
C LYS A 67 -25.83 4.15 -2.23
N LEU A 68 -26.13 3.97 -3.51
CA LEU A 68 -25.15 4.10 -4.59
C LEU A 68 -24.29 5.34 -4.40
N HIS A 69 -22.97 5.14 -4.48
CA HIS A 69 -21.92 6.16 -4.41
C HIS A 69 -21.56 6.54 -2.98
N GLN A 70 -22.25 6.02 -1.97
CA GLN A 70 -21.88 6.28 -0.58
C GLN A 70 -20.79 5.28 -0.16
N ILE A 71 -20.27 5.48 1.04
CA ILE A 71 -19.23 4.61 1.61
C ILE A 71 -19.91 3.57 2.51
N TRP A 72 -19.46 2.32 2.39
CA TRP A 72 -19.99 1.20 3.16
C TRP A 72 -19.01 0.77 4.24
N LEU A 73 -19.51 0.67 5.46
CA LEU A 73 -18.76 0.17 6.60
C LEU A 73 -19.33 -1.18 6.98
N SER A 74 -18.50 -2.22 6.96
CA SER A 74 -18.91 -3.54 7.40
C SER A 74 -19.21 -3.51 8.90
N PRO A 75 -19.87 -4.54 9.43
CA PRO A 75 -20.08 -4.60 10.88
C PRO A 75 -18.79 -4.47 11.69
N LYS A 76 -17.72 -5.17 11.27
CA LYS A 76 -16.44 -5.08 11.96
C LYS A 76 -15.86 -3.66 11.89
N VAL A 77 -15.92 -3.04 10.72
CA VAL A 77 -15.39 -1.68 10.56
C VAL A 77 -16.16 -0.70 11.44
N ALA A 78 -17.50 -0.77 11.40
CA ALA A 78 -18.32 0.14 12.20
C ALA A 78 -18.06 -0.05 13.69
N SER A 79 -17.91 -1.31 14.13
CA SER A 79 -17.62 -1.58 15.53
C SER A 79 -16.27 -1.01 15.92
N ASP A 80 -15.26 -1.21 15.07
CA ASP A 80 -13.92 -0.72 15.37
C ASP A 80 -13.89 0.81 15.39
N LEU A 81 -14.57 1.46 14.45
CA LEU A 81 -14.55 2.92 14.41
C LEU A 81 -15.15 3.52 15.67
N ALA A 82 -16.13 2.84 16.27
CA ALA A 82 -16.67 3.31 17.54
C ALA A 82 -15.68 3.23 18.69
N LEU A 83 -14.55 2.53 18.51
CA LEU A 83 -13.55 2.34 19.54
C LEU A 83 -12.30 3.20 19.36
N ILE A 84 -12.26 4.07 18.36
CA ILE A 84 -11.14 5.00 18.15
C ILE A 84 -10.78 5.81 19.39
N PRO A 85 -11.73 6.37 20.13
CA PRO A 85 -11.34 7.17 21.32
C PRO A 85 -10.46 6.42 22.30
N THR A 86 -10.58 5.09 22.38
CA THR A 86 -9.74 4.33 23.30
C THR A 86 -8.28 4.31 22.86
N LEU A 87 -8.02 4.38 21.55
CA LEU A 87 -6.64 4.41 21.06
C LEU A 87 -5.98 5.75 21.37
N ARG A 88 -6.77 6.83 21.37
CA ARG A 88 -6.20 8.17 21.54
C ARG A 88 -5.51 8.33 22.90
N LYS A 89 -5.92 7.54 23.89
CA LYS A 89 -5.29 7.60 25.21
C LYS A 89 -3.80 7.25 25.14
N GLN A 90 -3.39 6.43 24.17
CA GLN A 90 -1.98 6.07 24.04
C GLN A 90 -1.14 7.15 23.39
N ASN A 91 -1.77 8.05 22.66
CA ASN A 91 -1.04 8.94 21.76
C ASN A 91 -2.02 10.07 21.49
N PRO A 92 -2.14 11.04 22.40
CA PRO A 92 -3.20 12.05 22.28
C PRO A 92 -3.13 12.89 21.03
N ASN A 93 -1.95 13.05 20.43
CA ASN A 93 -1.83 13.82 19.20
C ASN A 93 -2.00 12.96 17.94
N LEU A 94 -2.30 11.68 18.12
CA LEU A 94 -2.52 10.76 16.97
C LEU A 94 -3.65 11.26 16.08
N LYS A 95 -3.43 11.24 14.78
CA LYS A 95 -4.50 11.58 13.82
C LYS A 95 -5.02 10.27 13.26
N VAL A 96 -6.33 10.11 13.19
CA VAL A 96 -6.95 8.85 12.70
C VAL A 96 -7.77 9.18 11.46
N LEU A 97 -7.50 8.47 10.38
CA LEU A 97 -8.25 8.62 9.14
C LEU A 97 -8.92 7.30 8.78
N LEU A 98 -10.06 7.39 8.10
CA LEU A 98 -10.63 6.20 7.48
C LEU A 98 -10.11 6.14 6.05
N SER A 99 -9.50 5.01 5.68
N SER A 99 -9.51 5.01 5.68
CA SER A 99 -9.12 4.76 4.30
CA SER A 99 -9.12 4.79 4.29
C SER A 99 -10.28 4.08 3.58
C SER A 99 -10.24 4.06 3.56
N VAL A 100 -10.60 4.58 2.39
CA VAL A 100 -11.67 4.05 1.55
C VAL A 100 -11.04 3.49 0.29
N GLY A 101 -11.41 2.27 -0.07
CA GLY A 101 -10.93 1.68 -1.31
C GLY A 101 -10.07 0.46 -1.05
N GLY A 102 -8.86 0.44 -1.60
CA GLY A 102 -7.98 -0.71 -1.55
C GLY A 102 -7.97 -1.48 -2.86
N TRP A 103 -7.02 -2.41 -2.94
CA TRP A 103 -6.88 -3.20 -4.15
C TRP A 103 -8.16 -4.01 -4.39
N GLY A 104 -8.71 -3.87 -5.60
CA GLY A 104 -9.93 -4.54 -5.96
C GLY A 104 -11.21 -3.87 -5.52
N ALA A 105 -11.14 -2.72 -4.84
CA ALA A 105 -12.36 -2.04 -4.41
C ALA A 105 -12.99 -1.30 -5.59
N ARG A 106 -14.22 -1.67 -5.92
N ARG A 106 -14.23 -1.66 -5.90
CA ARG A 106 -14.98 -1.06 -7.00
CA ARG A 106 -14.99 -1.06 -7.00
C ARG A 106 -15.70 0.20 -6.53
C ARG A 106 -15.68 0.22 -6.53
N GLY A 107 -16.24 0.94 -7.49
CA GLY A 107 -17.15 2.04 -7.20
C GLY A 107 -16.59 3.44 -7.37
N PHE A 108 -15.27 3.62 -7.41
CA PHE A 108 -14.76 4.98 -7.53
C PHE A 108 -15.09 5.59 -8.89
N SER A 109 -14.97 4.81 -9.97
CA SER A 109 -15.19 5.42 -11.28
C SER A 109 -16.58 6.00 -11.39
N GLY A 110 -17.57 5.26 -10.92
CA GLY A 110 -18.95 5.76 -10.95
C GLY A 110 -19.18 6.87 -9.93
N ALA A 111 -18.60 6.73 -8.73
CA ALA A 111 -18.79 7.77 -7.73
C ALA A 111 -18.20 9.11 -8.16
N ALA A 112 -17.12 9.07 -8.94
CA ALA A 112 -16.41 10.28 -9.33
C ALA A 112 -16.98 10.93 -10.60
N ALA A 113 -17.96 10.29 -11.23
CA ALA A 113 -18.30 10.64 -12.62
C ALA A 113 -18.95 12.02 -12.77
N THR A 114 -19.76 12.45 -11.80
CA THR A 114 -20.49 13.71 -11.96
C THR A 114 -20.44 14.50 -10.65
N GLN A 115 -20.73 15.80 -10.74
CA GLN A 115 -20.81 16.61 -9.53
C GLN A 115 -21.81 16.00 -8.56
N GLU A 116 -22.92 15.46 -9.08
N GLU A 116 -22.91 15.47 -9.09
CA GLU A 116 -23.96 14.90 -8.23
CA GLU A 116 -23.97 14.91 -8.26
C GLU A 116 -23.49 13.63 -7.53
C GLU A 116 -23.52 13.63 -7.54
N SER A 117 -22.87 12.71 -8.27
CA SER A 117 -22.39 11.48 -7.64
C SER A 117 -21.27 11.77 -6.65
N ARG A 118 -20.36 12.68 -7.01
CA ARG A 118 -19.32 13.08 -6.08
C ARG A 118 -19.91 13.67 -4.81
N ALA A 119 -20.98 14.46 -4.95
CA ALA A 119 -21.56 15.12 -3.76
C ALA A 119 -22.12 14.08 -2.80
N VAL A 120 -22.70 13.00 -3.32
CA VAL A 120 -23.19 11.91 -2.48
C VAL A 120 -22.02 11.24 -1.74
N PHE A 121 -20.95 10.91 -2.46
CA PHE A 121 -19.79 10.30 -1.83
C PHE A 121 -19.22 11.18 -0.74
N ILE A 122 -19.08 12.48 -1.04
CA ILE A 122 -18.50 13.42 -0.08
C ILE A 122 -19.37 13.54 1.16
N ARG A 123 -20.69 13.68 0.99
CA ARG A 123 -21.56 13.77 2.17
C ARG A 123 -21.45 12.52 3.03
N SER A 124 -21.28 11.35 2.40
CA SER A 124 -21.09 10.12 3.16
C SER A 124 -19.78 10.17 3.95
N ALA A 125 -18.69 10.58 3.30
CA ALA A 125 -17.42 10.76 4.01
C ALA A 125 -17.55 11.74 5.16
N GLN A 126 -18.26 12.86 4.95
CA GLN A 126 -18.38 13.84 6.02
C GLN A 126 -19.12 13.26 7.22
N GLU A 127 -20.20 12.52 6.97
CA GLU A 127 -20.97 11.94 8.07
C GLU A 127 -20.13 10.95 8.87
N ILE A 128 -19.37 10.09 8.18
CA ILE A 128 -18.56 9.08 8.85
C ILE A 128 -17.45 9.74 9.67
N VAL A 129 -16.74 10.71 9.08
CA VAL A 129 -15.68 11.40 9.81
C VAL A 129 -16.24 12.08 11.06
N GLU A 130 -17.42 12.71 10.94
CA GLU A 130 -18.01 13.41 12.07
C GLU A 130 -18.50 12.44 13.14
N LYS A 131 -19.29 11.44 12.75
CA LYS A 131 -19.97 10.64 13.76
C LYS A 131 -19.02 9.72 14.52
N TYR A 132 -17.85 9.41 13.96
CA TYR A 132 -16.87 8.62 14.69
C TYR A 132 -15.69 9.46 15.19
N GLY A 133 -15.75 10.78 15.03
CA GLY A 133 -14.69 11.65 15.54
C GLY A 133 -13.35 11.45 14.89
N LEU A 134 -13.33 11.15 13.59
CA LEU A 134 -12.07 10.92 12.90
C LEU A 134 -11.44 12.26 12.54
N ASP A 135 -10.16 12.21 12.16
CA ASP A 135 -9.46 13.41 11.76
C ASP A 135 -9.45 13.62 10.25
N GLY A 136 -9.91 12.65 9.47
CA GLY A 136 -9.93 12.87 8.03
C GLY A 136 -10.19 11.59 7.28
N ILE A 137 -10.01 11.68 5.96
CA ILE A 137 -10.34 10.61 5.03
C ILE A 137 -9.15 10.39 4.11
N ASP A 138 -8.88 9.13 3.81
CA ASP A 138 -7.83 8.73 2.89
C ASP A 138 -8.47 7.92 1.77
N LEU A 139 -8.17 8.26 0.51
CA LEU A 139 -8.75 7.58 -0.64
C LEU A 139 -7.70 6.74 -1.32
N ASP A 140 -7.99 5.44 -1.48
CA ASP A 140 -7.09 4.48 -2.12
C ASP A 140 -7.80 3.87 -3.33
N TRP A 141 -7.80 4.62 -4.42
CA TRP A 141 -8.45 4.22 -5.67
C TRP A 141 -7.38 3.56 -6.53
N GLU A 142 -7.54 2.27 -6.79
CA GLU A 142 -6.51 1.51 -7.51
C GLU A 142 -7.14 0.98 -8.80
N TYR A 143 -7.07 1.77 -9.89
CA TYR A 143 -6.53 3.11 -10.05
C TYR A 143 -7.42 3.86 -11.02
N PRO A 144 -7.48 5.20 -10.94
CA PRO A 144 -8.16 5.96 -12.00
C PRO A 144 -7.56 5.58 -13.35
N VAL A 145 -8.41 5.54 -14.38
CA VAL A 145 -8.04 5.34 -15.78
C VAL A 145 -7.69 3.88 -16.08
N ASN A 146 -6.76 3.33 -15.31
CA ASN A 146 -6.23 2.00 -15.56
C ASN A 146 -7.07 0.90 -14.95
N GLY A 147 -7.75 1.17 -13.83
CA GLY A 147 -8.64 0.21 -13.23
C GLY A 147 -7.96 -1.01 -12.63
N ALA A 148 -6.68 -0.90 -12.26
CA ALA A 148 -5.88 -2.05 -11.86
C ALA A 148 -5.97 -3.16 -12.91
N TRP A 149 -5.75 -2.77 -14.16
CA TRP A 149 -5.76 -3.68 -15.33
C TRP A 149 -7.09 -4.40 -15.47
N GLY A 150 -8.18 -3.65 -15.35
CA GLY A 150 -9.50 -4.19 -15.56
C GLY A 150 -10.15 -4.81 -14.34
N LEU A 151 -9.47 -4.80 -13.19
CA LEU A 151 -10.06 -5.38 -11.98
C LEU A 151 -11.26 -4.58 -11.49
N VAL A 152 -11.28 -3.27 -11.72
CA VAL A 152 -12.41 -2.42 -11.38
C VAL A 152 -12.73 -1.58 -12.61
N ALA A 153 -13.98 -1.11 -12.67
CA ALA A 153 -14.37 -0.28 -13.80
C ALA A 153 -13.49 0.96 -13.88
N SER A 154 -13.22 1.40 -15.11
CA SER A 154 -12.42 2.60 -15.32
C SER A 154 -12.79 3.25 -16.63
N GLN A 155 -12.45 4.53 -16.77
CA GLN A 155 -12.70 5.29 -17.98
C GLN A 155 -11.71 6.44 -18.03
N PRO A 156 -11.43 6.98 -19.22
CA PRO A 156 -10.46 8.09 -19.31
C PRO A 156 -10.84 9.29 -18.48
N ALA A 157 -12.13 9.55 -18.30
CA ALA A 157 -12.57 10.68 -17.50
C ALA A 157 -12.16 10.54 -16.05
N ASP A 158 -11.75 9.35 -15.61
CA ASP A 158 -11.36 9.16 -14.21
C ASP A 158 -10.29 10.16 -13.77
N ARG A 159 -9.33 10.47 -14.65
CA ARG A 159 -8.22 11.33 -14.24
C ARG A 159 -8.73 12.67 -13.72
N ASP A 160 -9.46 13.38 -14.55
CA ASP A 160 -9.93 14.70 -14.13
C ASP A 160 -11.11 14.59 -13.17
N ASN A 161 -11.86 13.50 -13.21
CA ASN A 161 -12.89 13.31 -12.19
C ASN A 161 -12.30 13.11 -10.81
N PHE A 162 -11.14 12.46 -10.73
CA PHE A 162 -10.46 12.30 -9.44
C PHE A 162 -10.03 13.65 -8.89
N THR A 163 -9.46 14.51 -9.74
CA THR A 163 -9.13 15.87 -9.32
C THR A 163 -10.36 16.58 -8.77
N ALA A 164 -11.48 16.50 -9.50
CA ALA A 164 -12.72 17.14 -9.05
C ALA A 164 -13.19 16.56 -7.72
N LEU A 165 -13.11 15.23 -7.56
CA LEU A 165 -13.53 14.63 -6.29
C LEU A 165 -12.71 15.18 -5.13
N LEU A 166 -11.39 15.25 -5.30
CA LEU A 166 -10.52 15.74 -4.23
C LEU A 166 -10.75 17.23 -3.98
N LYS A 167 -10.96 18.01 -5.04
CA LYS A 167 -11.21 19.45 -4.86
C LYS A 167 -12.52 19.68 -4.11
N GLU A 168 -13.57 18.96 -4.50
CA GLU A 168 -14.87 19.11 -3.87
C GLU A 168 -14.84 18.55 -2.44
N MET A 169 -14.03 17.52 -2.20
N MET A 169 -14.03 17.52 -2.20
CA MET A 169 -13.89 17.00 -0.84
CA MET A 169 -13.88 17.01 -0.85
C MET A 169 -13.21 18.04 0.05
C MET A 169 -13.21 18.04 0.05
N ARG A 170 -12.16 18.69 -0.45
CA ARG A 170 -11.51 19.73 0.34
C ARG A 170 -12.46 20.89 0.58
N ASP A 171 -13.26 21.24 -0.42
CA ASP A 171 -14.21 22.34 -0.22
C ASP A 171 -15.18 22.01 0.91
N ALA A 172 -15.65 20.76 0.97
CA ALA A 172 -16.63 20.36 1.98
C ALA A 172 -16.00 20.22 3.37
N PHE A 173 -14.82 19.60 3.46
N PHE A 173 -14.83 19.57 3.44
CA PHE A 173 -14.21 19.37 4.77
CA PHE A 173 -14.16 19.33 4.72
C PHE A 173 -13.53 20.61 5.33
C PHE A 173 -13.61 20.62 5.32
N GLY A 174 -13.17 21.56 4.48
CA GLY A 174 -12.46 22.72 4.97
C GLY A 174 -11.03 22.37 5.29
N HIS A 175 -10.37 23.25 6.06
CA HIS A 175 -8.96 23.10 6.36
C HIS A 175 -8.73 22.55 7.75
N LYS A 176 -9.75 22.00 8.38
CA LYS A 176 -9.67 21.45 9.73
C LYS A 176 -9.85 19.94 9.76
N LYS A 177 -9.85 19.29 8.60
CA LYS A 177 -9.82 17.84 8.53
C LYS A 177 -8.84 17.45 7.44
N LEU A 178 -8.31 16.24 7.53
CA LEU A 178 -7.30 15.76 6.58
C LEU A 178 -7.95 15.07 5.38
N VAL A 179 -7.33 15.27 4.20
CA VAL A 179 -7.67 14.52 3.00
C VAL A 179 -6.33 14.06 2.42
N THR A 180 -6.18 12.74 2.28
CA THR A 180 -4.94 12.15 1.78
C THR A 180 -5.31 11.07 0.77
N ILE A 181 -4.32 10.63 0.00
CA ILE A 181 -4.50 9.50 -0.92
C ILE A 181 -3.28 8.61 -0.87
N ALA A 182 -3.49 7.37 -1.32
CA ALA A 182 -2.42 6.47 -1.70
C ALA A 182 -2.33 6.45 -3.22
N ILE A 183 -1.11 6.43 -3.73
CA ILE A 183 -0.88 6.51 -5.17
C ILE A 183 0.08 5.40 -5.59
N GLY A 184 -0.10 4.91 -6.82
CA GLY A 184 0.59 3.70 -7.23
C GLY A 184 2.06 3.90 -7.59
N ALA A 185 2.78 2.76 -7.59
CA ALA A 185 4.18 2.75 -8.01
C ALA A 185 4.35 2.91 -9.53
N ASN A 186 3.37 2.46 -10.32
CA ASN A 186 3.54 2.40 -11.78
C ASN A 186 3.92 3.77 -12.33
N ALA A 187 4.92 3.77 -13.23
CA ALA A 187 5.37 5.00 -13.86
C ALA A 187 4.25 5.70 -14.63
N GLU A 188 3.26 4.93 -15.10
CA GLU A 188 2.16 5.52 -15.84
C GLU A 188 1.19 6.27 -14.93
N SER A 189 1.26 6.06 -13.62
CA SER A 189 0.35 6.75 -12.71
C SER A 189 0.45 8.27 -12.85
N PRO A 190 1.61 8.92 -12.66
CA PRO A 190 1.65 10.37 -12.85
C PRO A 190 1.50 10.78 -14.31
N LYS A 191 1.90 9.92 -15.26
CA LYS A 191 1.83 10.31 -16.66
C LYS A 191 0.40 10.38 -17.17
N SER A 192 -0.43 9.42 -16.78
CA SER A 192 -1.77 9.24 -17.37
C SER A 192 -2.92 9.07 -16.39
N TRP A 193 -2.66 8.56 -15.18
CA TRP A 193 -3.79 8.20 -14.32
C TRP A 193 -4.19 9.32 -13.37
N VAL A 194 -3.22 10.05 -12.82
CA VAL A 194 -3.47 11.01 -11.76
C VAL A 194 -2.76 12.32 -12.10
N ASP A 195 -3.46 13.44 -11.99
CA ASP A 195 -2.91 14.77 -12.23
C ASP A 195 -2.27 15.25 -10.93
N VAL A 196 -1.01 14.83 -10.71
CA VAL A 196 -0.38 15.07 -9.41
C VAL A 196 -0.22 16.56 -9.14
N LYS A 197 0.08 17.36 -10.17
CA LYS A 197 0.25 18.79 -9.92
C LYS A 197 -1.07 19.44 -9.51
N ALA A 198 -2.20 18.98 -10.06
CA ALA A 198 -3.47 19.58 -9.70
C ALA A 198 -3.93 19.17 -8.32
N ILE A 199 -3.65 17.94 -7.91
CA ILE A 199 -4.19 17.44 -6.65
C ILE A 199 -3.31 17.77 -5.46
N ALA A 200 -2.00 17.92 -5.65
CA ALA A 200 -1.10 18.16 -4.52
C ALA A 200 -1.53 19.31 -3.62
N PRO A 201 -1.95 20.47 -4.14
CA PRO A 201 -2.35 21.56 -3.24
C PRO A 201 -3.63 21.28 -2.47
N LEU A 202 -4.38 20.25 -2.85
CA LEU A 202 -5.64 19.90 -2.20
C LEU A 202 -5.45 18.95 -1.03
N LEU A 203 -4.31 18.27 -0.96
CA LEU A 203 -4.12 17.15 -0.05
C LEU A 203 -3.12 17.51 1.05
N ASP A 204 -3.34 16.94 2.22
CA ASP A 204 -2.37 17.16 3.29
C ASP A 204 -1.05 16.46 3.01
N TYR A 205 -1.10 15.28 2.40
CA TYR A 205 0.09 14.54 1.98
C TYR A 205 -0.39 13.40 1.11
N ILE A 206 0.57 12.76 0.44
CA ILE A 206 0.32 11.66 -0.48
C ILE A 206 1.20 10.49 -0.05
N ASN A 207 0.60 9.31 0.10
CA ASN A 207 1.33 8.10 0.46
C ASN A 207 1.68 7.32 -0.80
N LEU A 208 2.99 7.13 -1.05
CA LEU A 208 3.44 6.37 -2.20
C LEU A 208 3.38 4.88 -1.89
N MET A 209 2.75 4.10 -2.76
CA MET A 209 2.72 2.64 -2.57
C MET A 209 3.97 2.04 -3.22
N THR A 210 5.11 2.36 -2.60
CA THR A 210 6.43 1.97 -3.12
C THR A 210 6.78 0.51 -2.79
N TYR A 211 5.97 -0.40 -3.32
CA TYR A 211 6.11 -1.83 -3.06
C TYR A 211 5.30 -2.57 -4.11
N ASP A 212 5.24 -3.90 -3.97
CA ASP A 212 4.53 -4.76 -4.93
C ASP A 212 5.16 -4.72 -6.33
N MET A 213 6.49 -4.78 -6.35
CA MET A 213 7.26 -4.78 -7.58
C MET A 213 7.67 -6.17 -8.02
N ALA A 214 7.35 -7.21 -7.25
CA ALA A 214 7.81 -8.58 -7.52
C ALA A 214 6.86 -9.27 -8.50
N TYR A 215 6.71 -8.65 -9.68
CA TYR A 215 5.78 -9.08 -10.71
C TYR A 215 6.49 -9.10 -12.05
N GLY A 216 5.85 -9.73 -13.02
CA GLY A 216 6.44 -9.87 -14.34
C GLY A 216 7.80 -10.52 -14.25
N THR A 217 8.80 -9.86 -14.81
CA THR A 217 10.16 -10.41 -14.86
C THR A 217 11.05 -9.89 -13.73
N GLN A 218 10.49 -9.24 -12.70
CA GLN A 218 11.28 -8.66 -11.62
C GLN A 218 11.27 -9.55 -10.38
N TYR A 219 12.45 -9.73 -9.77
CA TYR A 219 12.54 -10.54 -8.55
C TYR A 219 12.08 -9.79 -7.29
N PHE A 220 12.57 -8.57 -7.04
CA PHE A 220 12.39 -7.90 -5.76
C PHE A 220 11.06 -7.16 -5.66
N ASN A 221 10.51 -7.15 -4.44
CA ASN A 221 9.21 -6.54 -4.19
C ASN A 221 9.27 -5.07 -3.83
N ALA A 222 10.37 -4.63 -3.22
CA ALA A 222 10.51 -3.25 -2.76
C ALA A 222 11.99 -2.95 -2.61
N ASN A 223 12.77 -3.35 -3.61
CA ASN A 223 14.19 -3.01 -3.65
C ASN A 223 14.36 -1.49 -3.66
N LEU A 224 15.27 -0.99 -2.82
CA LEU A 224 15.47 0.45 -2.77
C LEU A 224 16.08 0.97 -4.06
N TYR A 225 17.12 0.29 -4.53
CA TYR A 225 17.72 0.52 -5.85
C TYR A 225 17.68 -0.79 -6.62
N ASP A 226 18.02 -0.73 -7.90
CA ASP A 226 18.10 -1.94 -8.71
C ASP A 226 19.17 -2.89 -8.17
N SER A 227 18.86 -4.18 -8.20
CA SER A 227 19.80 -5.22 -7.82
C SER A 227 20.70 -5.53 -9.00
N SER A 228 22.01 -5.40 -8.82
CA SER A 228 22.94 -5.66 -9.91
C SER A 228 22.91 -7.14 -10.31
N ALA A 229 22.78 -8.03 -9.33
CA ALA A 229 22.91 -9.46 -9.59
C ALA A 229 21.61 -10.13 -10.02
N TRP A 230 20.47 -9.48 -9.78
CA TRP A 230 19.16 -10.02 -10.13
C TRP A 230 18.42 -9.01 -11.03
N PRO A 231 18.94 -8.75 -12.23
CA PRO A 231 18.31 -7.71 -13.06
C PRO A 231 16.96 -8.15 -13.62
N THR A 232 16.04 -7.19 -13.70
CA THR A 232 14.76 -7.39 -14.34
C THR A 232 14.94 -7.43 -15.86
N VAL A 233 14.22 -8.33 -16.53
CA VAL A 233 14.50 -8.58 -17.95
C VAL A 233 13.73 -7.64 -18.85
N ALA A 234 12.42 -7.50 -18.66
CA ALA A 234 11.61 -6.62 -19.50
C ALA A 234 11.64 -5.20 -18.94
N ALA A 235 11.89 -4.23 -19.81
CA ALA A 235 12.10 -2.86 -19.36
C ALA A 235 10.89 -2.31 -18.61
N ALA A 236 9.68 -2.67 -19.06
CA ALA A 236 8.49 -2.15 -18.42
C ALA A 236 8.27 -2.68 -17.01
N ASP A 237 8.99 -3.73 -16.62
CA ASP A 237 8.90 -4.30 -15.29
C ASP A 237 9.96 -3.77 -14.35
N LYS A 238 10.90 -2.96 -14.84
CA LYS A 238 12.07 -2.57 -14.04
C LYS A 238 11.66 -1.48 -13.06
N TYR A 239 11.61 -1.83 -11.77
CA TYR A 239 11.17 -0.90 -10.73
C TYR A 239 12.13 -0.93 -9.56
N SER A 240 12.18 0.19 -8.84
CA SER A 240 12.82 0.31 -7.54
C SER A 240 12.10 1.42 -6.81
N VAL A 241 12.28 1.44 -5.48
CA VAL A 241 11.67 2.50 -4.68
C VAL A 241 12.21 3.85 -5.13
N ASP A 242 13.52 3.95 -5.35
CA ASP A 242 14.13 5.20 -5.78
C ASP A 242 13.57 5.65 -7.13
N PHE A 243 13.37 4.72 -8.05
CA PHE A 243 12.80 5.04 -9.36
C PHE A 243 11.41 5.65 -9.21
N VAL A 244 10.58 5.07 -8.34
CA VAL A 244 9.22 5.59 -8.15
C VAL A 244 9.27 6.99 -7.55
N VAL A 245 10.10 7.18 -6.52
CA VAL A 245 10.19 8.50 -5.91
C VAL A 245 10.63 9.53 -6.94
N ASN A 246 11.66 9.20 -7.71
CA ASN A 246 12.14 10.14 -8.72
C ASN A 246 11.09 10.40 -9.80
N ASN A 247 10.30 9.40 -10.19
CA ASN A 247 9.22 9.65 -11.14
C ASN A 247 8.26 10.69 -10.61
N TYR A 248 7.92 10.61 -9.33
CA TYR A 248 6.96 11.54 -8.77
C TYR A 248 7.58 12.92 -8.55
N LEU A 249 8.87 12.99 -8.22
CA LEU A 249 9.54 14.29 -8.17
C LEU A 249 9.53 14.94 -9.54
N ALA A 250 9.82 14.16 -10.59
CA ALA A 250 9.88 14.69 -11.94
C ALA A 250 8.50 15.12 -12.42
N ALA A 251 7.45 14.48 -11.91
CA ALA A 251 6.08 14.87 -12.24
C ALA A 251 5.62 16.11 -11.50
N GLY A 252 6.38 16.59 -10.52
CA GLY A 252 6.07 17.84 -9.87
C GLY A 252 5.64 17.75 -8.42
N LEU A 253 5.67 16.57 -7.81
CA LEU A 253 5.38 16.47 -6.39
C LEU A 253 6.60 16.87 -5.59
N LYS A 254 6.41 17.65 -4.54
CA LYS A 254 7.52 18.06 -3.70
C LYS A 254 7.82 16.97 -2.67
N PRO A 255 9.09 16.81 -2.29
CA PRO A 255 9.44 15.78 -1.29
C PRO A 255 8.63 15.89 -0.01
N GLN A 256 8.37 17.11 0.47
N GLN A 256 8.38 17.12 0.46
CA GLN A 256 7.67 17.28 1.73
CA GLN A 256 7.67 17.33 1.70
C GLN A 256 6.18 16.98 1.64
C GLN A 256 6.20 16.94 1.64
N GLN A 257 5.67 16.61 0.46
CA GLN A 257 4.29 16.21 0.30
C GLN A 257 4.13 14.69 0.24
N MET A 258 5.23 13.93 0.26
CA MET A 258 5.18 12.49 -0.01
C MET A 258 5.70 11.69 1.17
N ASN A 259 4.93 10.70 1.59
CA ASN A 259 5.42 9.67 2.51
C ASN A 259 5.79 8.45 1.69
N LEU A 260 6.87 7.80 2.09
CA LEU A 260 7.34 6.60 1.41
C LEU A 260 6.69 5.37 2.02
N GLY A 261 5.90 4.66 1.21
CA GLY A 261 5.27 3.44 1.68
C GLY A 261 6.27 2.31 1.85
N ILE A 262 6.11 1.57 2.94
CA ILE A 262 6.94 0.41 3.27
C ILE A 262 5.99 -0.76 3.54
N GLY A 263 6.30 -1.92 2.96
CA GLY A 263 5.49 -3.09 3.14
C GLY A 263 6.05 -3.99 4.21
N PHE A 264 5.27 -4.23 5.26
CA PHE A 264 5.71 -5.11 6.34
C PHE A 264 5.41 -6.57 6.00
N TYR A 265 5.92 -7.00 4.85
CA TYR A 265 5.59 -8.31 4.30
C TYR A 265 6.56 -8.57 3.16
N GLY A 266 6.48 -9.80 2.61
CA GLY A 266 7.26 -10.16 1.46
C GLY A 266 6.38 -10.79 0.38
N ARG A 267 6.97 -10.95 -0.80
CA ARG A 267 6.30 -11.64 -1.89
C ARG A 267 7.23 -12.62 -2.58
N VAL A 268 6.72 -13.80 -2.85
CA VAL A 268 7.38 -14.69 -3.82
C VAL A 268 7.26 -14.04 -5.18
N PRO A 269 8.33 -13.90 -5.96
CA PRO A 269 8.20 -13.23 -7.25
C PRO A 269 7.31 -14.05 -8.18
N LYS A 270 6.47 -13.35 -8.96
CA LYS A 270 5.68 -14.05 -9.96
C LYS A 270 6.57 -14.79 -10.96
N ARG A 271 7.80 -14.28 -11.17
CA ARG A 271 8.75 -14.91 -12.07
C ARG A 271 9.05 -16.35 -11.66
N ALA A 272 8.89 -16.68 -10.38
CA ALA A 272 9.12 -18.05 -9.94
C ALA A 272 8.06 -19.01 -10.48
N VAL A 273 6.84 -18.53 -10.74
CA VAL A 273 5.72 -19.44 -10.95
C VAL A 273 4.94 -19.21 -12.24
N GLU A 274 5.23 -18.10 -12.94
CA GLU A 274 4.46 -17.72 -14.11
C GLU A 274 5.42 -17.15 -15.15
N PRO A 275 5.24 -17.46 -16.42
CA PRO A 275 6.13 -16.87 -17.44
C PRO A 275 6.02 -15.36 -17.40
N GLY A 276 7.18 -14.69 -17.53
CA GLY A 276 7.23 -13.24 -17.55
C GLY A 276 7.28 -12.73 -18.98
N ILE A 277 6.31 -11.91 -19.34
CA ILE A 277 6.10 -11.49 -20.72
C ILE A 277 6.67 -10.09 -20.93
N ASP A 278 7.44 -9.93 -22.00
CA ASP A 278 7.89 -8.62 -22.47
C ASP A 278 6.94 -8.21 -23.60
N TRP A 279 5.98 -7.35 -23.27
CA TRP A 279 4.92 -6.99 -24.22
C TRP A 279 5.43 -6.16 -25.39
N THR A 280 6.65 -5.61 -25.30
CA THR A 280 7.23 -4.90 -26.43
C THR A 280 7.69 -5.83 -27.54
N LYS A 281 7.77 -7.13 -27.29
CA LYS A 281 8.30 -8.08 -28.26
C LYS A 281 7.18 -8.54 -29.21
N PRO A 282 7.55 -8.88 -30.44
CA PRO A 282 6.59 -9.59 -31.30
C PRO A 282 6.42 -11.03 -30.82
N ASP A 283 5.20 -11.54 -30.94
CA ASP A 283 4.85 -12.85 -30.41
C ASP A 283 5.23 -12.95 -28.93
N ALA A 284 4.88 -11.90 -28.18
CA ALA A 284 5.36 -11.76 -26.81
C ALA A 284 5.01 -12.98 -25.96
N GLN A 285 3.78 -13.48 -26.08
CA GLN A 285 3.36 -14.61 -25.27
C GLN A 285 4.00 -15.90 -25.75
N LYS A 286 4.29 -16.02 -27.05
CA LYS A 286 4.91 -17.22 -27.56
C LYS A 286 6.34 -17.36 -27.07
N ASN A 287 7.01 -16.24 -26.80
CA ASN A 287 8.44 -16.22 -26.49
C ASN A 287 8.68 -15.47 -25.18
N PRO A 288 8.35 -16.09 -24.05
CA PRO A 288 8.43 -15.37 -22.77
C PRO A 288 9.85 -14.93 -22.45
N ALA A 289 9.96 -13.74 -21.86
CA ALA A 289 11.25 -13.20 -21.46
C ALA A 289 11.85 -13.97 -20.30
N THR A 290 11.00 -14.48 -19.40
CA THR A 290 11.44 -15.34 -18.29
C THR A 290 10.47 -16.51 -18.17
N GLN A 291 10.98 -17.60 -17.59
N GLN A 291 10.97 -17.59 -17.57
CA GLN A 291 10.23 -18.82 -17.38
CA GLN A 291 10.17 -18.78 -17.38
C GLN A 291 10.24 -19.18 -15.89
C GLN A 291 10.24 -19.21 -15.92
N PRO A 292 9.19 -19.85 -15.41
CA PRO A 292 9.16 -20.22 -13.98
C PRO A 292 10.34 -21.12 -13.61
N TYR A 293 10.96 -20.83 -12.47
CA TYR A 293 12.03 -21.66 -11.95
C TYR A 293 11.61 -22.47 -10.73
N PHE A 294 10.42 -22.24 -10.18
CA PHE A 294 9.83 -23.18 -9.22
C PHE A 294 9.18 -24.32 -10.00
N GLY A 295 9.26 -25.52 -9.44
CA GLY A 295 8.53 -26.65 -9.95
C GLY A 295 7.54 -27.16 -8.92
N PRO A 296 6.98 -28.35 -9.15
CA PRO A 296 5.97 -28.88 -8.21
C PRO A 296 6.44 -28.99 -6.78
N GLN A 297 7.72 -29.31 -6.54
CA GLN A 297 8.20 -29.42 -5.17
C GLN A 297 8.16 -28.09 -4.44
N GLU A 298 8.53 -27.00 -5.13
CA GLU A 298 8.55 -25.70 -4.47
C GLU A 298 7.13 -25.15 -4.31
N ILE A 299 6.28 -25.35 -5.33
CA ILE A 299 4.89 -24.95 -5.21
C ILE A 299 4.21 -25.74 -4.09
N GLY A 300 4.53 -27.04 -4.00
CA GLY A 300 4.01 -27.86 -2.92
C GLY A 300 4.53 -27.46 -1.55
N LEU A 301 5.81 -27.06 -1.48
CA LEU A 301 6.37 -26.56 -0.23
C LEU A 301 5.57 -25.37 0.29
N PHE A 302 5.31 -24.40 -0.58
CA PHE A 302 4.55 -23.23 -0.15
C PHE A 302 3.11 -23.60 0.18
N LYS A 303 2.52 -24.55 -0.56
CA LYS A 303 1.19 -25.05 -0.21
C LYS A 303 1.20 -25.62 1.20
N SER A 304 2.21 -26.41 1.54
CA SER A 304 2.26 -27.02 2.86
C SER A 304 2.41 -25.98 3.96
N LEU A 305 2.83 -24.77 3.61
CA LEU A 305 3.02 -23.67 4.54
C LEU A 305 1.84 -22.71 4.56
N GLY A 306 0.81 -22.95 3.74
CA GLY A 306 -0.38 -22.13 3.75
C GLY A 306 -0.52 -21.15 2.59
N TYR A 307 0.24 -21.32 1.50
CA TYR A 307 0.24 -20.36 0.40
C TYR A 307 0.05 -21.10 -0.92
N ASP A 308 -0.96 -20.70 -1.68
CA ASP A 308 -1.20 -21.22 -3.02
C ASP A 308 -0.62 -20.16 -3.95
N LEU A 309 0.58 -20.40 -4.45
CA LEU A 309 1.29 -19.39 -5.23
C LEU A 309 0.65 -19.09 -6.58
N THR A 310 -0.32 -19.90 -7.02
CA THR A 310 -1.05 -19.57 -8.24
C THR A 310 -2.09 -18.49 -8.01
N LYS A 311 -2.45 -18.25 -6.75
CA LYS A 311 -3.46 -17.26 -6.38
C LYS A 311 -2.90 -16.04 -5.69
N ASP A 312 -1.90 -16.20 -4.83
CA ASP A 312 -1.30 -15.04 -4.18
C ASP A 312 0.09 -15.38 -3.67
N THR A 313 0.91 -14.34 -3.61
CA THR A 313 2.32 -14.47 -3.29
C THR A 313 2.69 -13.72 -2.02
N TYR A 314 1.70 -13.23 -1.28
CA TYR A 314 1.89 -12.37 -0.12
C TYR A 314 2.18 -13.20 1.13
N VAL A 315 3.24 -12.85 1.84
CA VAL A 315 3.56 -13.48 3.12
C VAL A 315 3.81 -12.38 4.16
N LYS A 316 2.97 -12.34 5.20
CA LYS A 316 3.15 -11.36 6.27
C LYS A 316 4.51 -11.52 6.93
N TYR A 317 5.08 -10.40 7.39
CA TYR A 317 6.36 -10.48 8.07
C TYR A 317 6.30 -11.44 9.25
N ASN A 318 5.22 -11.39 10.04
CA ASN A 318 5.13 -12.31 11.18
C ASN A 318 5.17 -13.78 10.73
N ASP A 319 4.63 -14.08 9.55
CA ASP A 319 4.69 -15.44 9.02
C ASP A 319 6.03 -15.74 8.38
N ILE A 320 6.71 -14.72 7.84
CA ILE A 320 8.08 -14.97 7.38
C ILE A 320 8.95 -15.40 8.55
N VAL A 321 8.82 -14.71 9.69
CA VAL A 321 9.58 -15.08 10.88
C VAL A 321 9.19 -16.48 11.33
N LYS A 322 7.89 -16.73 11.50
CA LYS A 322 7.44 -17.98 12.11
C LYS A 322 7.64 -19.18 11.19
N LYS A 323 7.22 -19.07 9.93
CA LYS A 323 7.17 -20.22 9.03
C LYS A 323 8.42 -20.40 8.20
N LEU A 324 9.14 -19.32 7.89
CA LEU A 324 10.27 -19.40 6.96
C LEU A 324 11.59 -19.32 7.71
N LEU A 325 11.87 -18.18 8.35
CA LEU A 325 13.12 -18.04 9.11
C LEU A 325 13.24 -19.10 10.19
N ASN A 326 12.14 -19.38 10.90
CA ASN A 326 12.15 -20.34 12.00
C ASN A 326 11.63 -21.72 11.59
N ASP A 327 11.60 -22.02 10.30
CA ASP A 327 11.23 -23.36 9.84
C ASP A 327 12.08 -24.40 10.56
N PRO A 328 11.47 -25.38 11.22
CA PRO A 328 12.28 -26.35 11.98
C PRO A 328 13.31 -27.07 11.12
N GLN A 329 12.96 -27.42 9.88
CA GLN A 329 13.88 -28.09 8.97
C GLN A 329 14.90 -27.13 8.36
N LYS A 330 14.81 -25.83 8.65
CA LYS A 330 15.77 -24.84 8.17
C LYS A 330 15.89 -24.88 6.63
N ARG A 331 14.74 -24.95 5.97
CA ARG A 331 14.70 -25.07 4.51
C ARG A 331 14.94 -23.76 3.79
N PHE A 332 14.90 -22.63 4.50
CA PHE A 332 15.07 -21.31 3.92
C PHE A 332 16.39 -20.71 4.40
N THR A 333 17.22 -20.27 3.46
CA THR A 333 18.51 -19.66 3.77
C THR A 333 18.41 -18.16 3.55
N GLU A 334 18.92 -17.38 4.49
CA GLU A 334 18.79 -15.94 4.43
C GLU A 334 19.95 -15.30 3.68
N HIS A 335 19.64 -14.25 2.92
CA HIS A 335 20.62 -13.52 2.12
C HIS A 335 20.32 -12.03 2.24
N TRP A 336 21.27 -11.22 1.83
CA TRP A 336 21.12 -9.78 1.78
C TRP A 336 21.58 -9.31 0.41
N ASP A 337 20.81 -8.44 -0.24
CA ASP A 337 21.22 -7.82 -1.50
C ASP A 337 21.77 -6.43 -1.23
N ASP A 338 22.99 -6.18 -1.72
CA ASP A 338 23.75 -4.99 -1.35
C ASP A 338 23.19 -3.72 -1.97
N GLN A 339 22.56 -3.83 -3.14
CA GLN A 339 22.01 -2.65 -3.80
C GLN A 339 20.52 -2.49 -3.54
N ALA A 340 19.77 -3.59 -3.54
CA ALA A 340 18.36 -3.50 -3.21
C ALA A 340 18.17 -3.16 -1.74
N LYS A 341 19.16 -3.48 -0.91
CA LYS A 341 19.16 -3.16 0.51
C LYS A 341 17.98 -3.80 1.24
N VAL A 342 17.69 -5.05 0.89
CA VAL A 342 16.62 -5.81 1.52
C VAL A 342 17.08 -7.26 1.66
N PRO A 343 16.49 -7.98 2.62
CA PRO A 343 16.75 -9.42 2.75
C PRO A 343 15.94 -10.22 1.75
N TRP A 344 16.46 -11.42 1.45
CA TRP A 344 15.71 -12.38 0.64
C TRP A 344 16.10 -13.78 1.07
N LEU A 345 15.20 -14.74 0.84
CA LEU A 345 15.44 -16.13 1.23
C LEU A 345 15.52 -17.01 -0.01
N SER A 346 16.36 -18.03 0.06
CA SER A 346 16.41 -19.08 -0.94
C SER A 346 15.93 -20.40 -0.36
N VAL A 347 15.44 -21.27 -1.26
N VAL A 347 15.49 -21.28 -1.27
CA VAL A 347 15.16 -22.65 -0.92
CA VAL A 347 15.14 -22.66 -0.95
C VAL A 347 15.94 -23.53 -1.89
C VAL A 347 15.88 -23.55 -1.93
N LYS A 348 16.26 -24.73 -1.46
CA LYS A 348 16.95 -25.68 -2.32
C LYS A 348 15.92 -26.45 -3.14
N GLY A 349 16.07 -26.42 -4.46
CA GLY A 349 15.19 -27.15 -5.32
C GLY A 349 15.43 -28.63 -5.23
N ALA A 350 14.58 -29.40 -5.92
CA ALA A 350 14.81 -30.83 -5.99
C ALA A 350 16.14 -31.15 -6.64
N ASP A 351 16.61 -30.27 -7.52
CA ASP A 351 17.90 -30.43 -8.19
C ASP A 351 19.07 -29.95 -7.34
N GLY A 352 18.82 -29.57 -6.08
CA GLY A 352 19.86 -29.12 -5.17
C GLY A 352 20.23 -27.65 -5.27
N ASN A 353 19.80 -26.97 -6.34
N ASN A 353 19.76 -26.96 -6.30
CA ASN A 353 20.19 -25.59 -6.56
CA ASN A 353 20.16 -25.59 -6.54
C ASN A 353 19.40 -24.64 -5.65
C ASN A 353 19.40 -24.64 -5.64
N ALA A 354 20.08 -23.60 -5.15
CA ALA A 354 19.42 -22.55 -4.38
C ALA A 354 18.55 -21.72 -5.30
N LEU A 355 17.29 -21.50 -4.92
CA LEU A 355 16.33 -20.75 -5.71
C LEU A 355 15.83 -19.54 -4.93
N PHE A 356 15.76 -18.39 -5.61
CA PHE A 356 15.24 -17.15 -5.04
C PHE A 356 13.77 -17.33 -4.68
N ALA A 357 13.45 -17.34 -3.40
CA ALA A 357 12.11 -17.67 -2.94
C ALA A 357 11.24 -16.46 -2.60
N ILE A 358 11.79 -15.44 -1.94
CA ILE A 358 10.97 -14.35 -1.43
C ILE A 358 11.91 -13.24 -0.96
N SER A 359 11.54 -11.99 -1.25
CA SER A 359 12.20 -10.83 -0.63
C SER A 359 11.19 -10.12 0.24
N TYR A 360 11.69 -9.39 1.23
CA TYR A 360 10.81 -8.87 2.29
C TYR A 360 11.53 -7.71 2.99
N GLU A 361 10.95 -7.26 4.11
CA GLU A 361 11.52 -6.19 4.93
C GLU A 361 11.82 -6.74 6.32
N ASN A 362 12.99 -6.41 6.85
CA ASN A 362 13.33 -6.72 8.24
C ASN A 362 13.76 -5.44 8.94
N PRO A 363 14.09 -5.45 10.24
CA PRO A 363 14.48 -4.18 10.87
C PRO A 363 15.64 -3.48 10.16
N ARG A 364 16.62 -4.23 9.69
CA ARG A 364 17.76 -3.63 8.99
C ARG A 364 17.30 -2.87 7.75
N SER A 365 16.45 -3.49 6.93
CA SER A 365 16.05 -2.84 5.69
C SER A 365 15.07 -1.69 5.93
N VAL A 366 14.24 -1.80 6.97
CA VAL A 366 13.35 -0.70 7.33
C VAL A 366 14.15 0.51 7.80
N ALA A 367 15.19 0.29 8.62
CA ALA A 367 16.05 1.40 9.03
C ALA A 367 16.67 2.08 7.82
N ILE A 368 17.08 1.31 6.82
CA ILE A 368 17.67 1.88 5.60
C ILE A 368 16.65 2.73 4.85
N LYS A 369 15.40 2.26 4.75
CA LYS A 369 14.38 3.08 4.10
C LYS A 369 14.09 4.36 4.88
N ALA A 370 14.12 4.29 6.22
CA ALA A 370 13.99 5.50 7.02
C ALA A 370 15.12 6.48 6.76
N ASP A 371 16.35 5.99 6.65
CA ASP A 371 17.45 6.88 6.36
C ASP A 371 17.32 7.48 4.96
N TYR A 372 16.78 6.72 4.02
CA TYR A 372 16.52 7.23 2.67
C TYR A 372 15.48 8.34 2.69
N ILE A 373 14.41 8.16 3.47
CA ILE A 373 13.41 9.21 3.69
C ILE A 373 14.09 10.50 4.14
N LYS A 374 14.97 10.41 5.13
CA LYS A 374 15.66 11.60 5.62
C LYS A 374 16.58 12.18 4.54
N GLU A 375 17.32 11.32 3.83
CA GLU A 375 18.23 11.78 2.79
C GLU A 375 17.51 12.54 1.69
N LYS A 376 16.34 12.05 1.30
CA LYS A 376 15.61 12.62 0.17
C LYS A 376 14.68 13.75 0.60
N GLY A 377 14.61 14.03 1.90
CA GLY A 377 13.75 15.10 2.37
C GLY A 377 12.27 14.82 2.27
N LEU A 378 11.87 13.54 2.24
CA LEU A 378 10.47 13.19 2.17
C LEU A 378 9.77 13.49 3.50
N ALA A 379 8.44 13.42 3.46
CA ALA A 379 7.64 13.84 4.61
C ALA A 379 7.63 12.82 5.73
N GLY A 380 7.99 11.58 5.43
CA GLY A 380 7.87 10.50 6.39
C GLY A 380 7.64 9.20 5.67
N ALA A 381 7.12 8.23 6.42
CA ALA A 381 6.86 6.89 5.94
C ALA A 381 5.37 6.57 6.07
N MET A 382 4.91 5.64 5.24
CA MET A 382 3.63 4.99 5.46
C MET A 382 3.93 3.50 5.47
N PHE A 383 3.12 2.70 6.17
CA PHE A 383 3.35 1.25 6.13
C PHE A 383 2.06 0.47 6.03
N TRP A 384 2.16 -0.67 5.33
CA TRP A 384 1.08 -1.64 5.25
C TRP A 384 1.65 -2.94 5.79
N GLU A 385 1.12 -3.43 6.91
CA GLU A 385 0.11 -2.92 7.83
C GLU A 385 0.35 -3.63 9.19
N TYR A 386 -0.28 -3.16 10.26
CA TYR A 386 0.00 -3.68 11.60
C TYR A 386 -0.17 -5.19 11.69
N GLY A 387 -1.23 -5.73 11.08
CA GLY A 387 -1.50 -7.16 11.15
C GLY A 387 -0.46 -8.03 10.48
N ALA A 388 0.42 -7.43 9.69
CA ALA A 388 1.52 -8.17 9.08
C ALA A 388 2.82 -8.05 9.87
N ASP A 389 2.93 -7.05 10.74
CA ASP A 389 4.12 -6.86 11.56
C ASP A 389 4.18 -7.94 12.64
N ASP A 390 5.37 -8.11 13.21
CA ASP A 390 5.62 -9.10 14.26
C ASP A 390 5.82 -8.33 15.55
N GLU A 391 4.76 -8.26 16.34
CA GLU A 391 4.77 -7.54 17.63
C GLU A 391 5.26 -6.11 17.46
N ASN A 392 4.83 -5.47 16.37
CA ASN A 392 5.15 -4.08 16.06
C ASN A 392 6.66 -3.86 15.86
N GLN A 393 7.44 -4.91 15.62
CA GLN A 393 8.89 -4.76 15.53
C GLN A 393 9.29 -3.85 14.37
N LEU A 394 8.68 -4.03 13.19
CA LEU A 394 9.03 -3.16 12.08
C LEU A 394 8.56 -1.73 12.32
N ALA A 395 7.36 -1.56 12.89
CA ALA A 395 6.88 -0.22 13.23
C ALA A 395 7.79 0.45 14.25
N LYS A 396 8.27 -0.32 15.23
CA LYS A 396 9.16 0.26 16.23
C LYS A 396 10.50 0.66 15.63
N GLN A 397 11.08 -0.19 14.78
CA GLN A 397 12.33 0.19 14.13
C GLN A 397 12.13 1.44 13.27
N LEU A 398 11.02 1.49 12.53
CA LEU A 398 10.75 2.65 11.68
C LEU A 398 10.68 3.93 12.51
N ALA A 399 9.93 3.89 13.63
CA ALA A 399 9.81 5.07 14.47
C ALA A 399 11.16 5.49 15.05
N ALA A 400 11.96 4.53 15.50
CA ALA A 400 13.26 4.87 16.06
C ALA A 400 14.14 5.52 15.00
N SER A 401 14.15 4.95 13.78
CA SER A 401 15.01 5.46 12.72
C SER A 401 14.54 6.81 12.19
N LEU A 402 13.25 7.08 12.23
CA LEU A 402 12.73 8.38 11.81
C LEU A 402 12.83 9.42 12.91
N GLY A 403 13.03 9.01 14.16
CA GLY A 403 13.03 9.95 15.26
C GLY A 403 11.65 10.38 15.72
N ILE A 404 10.63 9.56 15.53
CA ILE A 404 9.30 9.90 16.05
C ILE A 404 9.40 10.02 17.57
N PRO A 405 8.95 11.12 18.16
CA PRO A 405 9.11 11.30 19.61
C PRO A 405 8.12 10.45 20.40
N HIS A 406 8.49 10.18 21.65
CA HIS A 406 7.67 9.44 22.57
C HIS A 406 6.70 10.38 23.30
N LEU A 407 5.66 9.78 23.88
CA LEU A 407 4.61 10.56 24.54
C LEU A 407 5.17 11.32 25.74
C1 EDO B . 9.57 1.40 -19.57
O1 EDO B . 9.61 0.24 -20.41
C2 EDO B . 8.31 2.20 -19.84
O2 EDO B . 7.18 1.59 -19.20
C ACT C . 23.17 -1.15 6.74
O ACT C . 22.43 -1.71 7.60
OXT ACT C . 23.86 -1.70 5.82
CH3 ACT C . 23.28 0.41 6.82
C1 EDO D . 24.95 -15.41 0.24
O1 EDO D . 24.33 -14.66 -0.82
C2 EDO D . 26.43 -15.59 -0.04
O2 EDO D . 27.13 -14.37 0.23
C1 EDO E . 24.23 -5.50 -13.55
O1 EDO E . 22.80 -5.38 -13.56
C2 EDO E . 24.87 -4.17 -13.19
O2 EDO E . 25.32 -3.51 -14.39
C1 EDO F . 15.75 -9.87 13.33
O1 EDO F . 15.94 -9.23 12.07
C2 EDO F . 15.78 -8.82 14.43
O2 EDO F . 14.45 -8.37 14.70
C1 EDO G . 7.90 6.18 19.91
O1 EDO G . 8.36 4.93 19.39
C2 EDO G . 6.89 5.96 21.05
O2 EDO G . 7.47 5.16 22.08
C1 PEG H . -4.37 -2.29 -0.95
O1 PEG H . -5.47 -3.05 -0.54
C2 PEG H . -4.44 -0.94 -0.34
O2 PEG H . -3.28 -0.21 -0.70
C3 PEG H . -2.58 0.28 0.39
C4 PEG H . -1.61 -0.80 0.73
O4 PEG H . -1.19 -1.35 -0.49
C1 PEG I . -14.71 -8.17 8.66
O1 PEG I . -15.43 -9.26 9.22
C2 PEG I . -15.50 -7.51 7.57
O2 PEG I . -14.96 -6.22 7.31
C3 PEG I . -14.85 -5.94 5.92
C4 PEG I . -14.53 -4.49 5.72
O4 PEG I . -14.40 -4.16 4.35
#